data_6R4X
#
_entry.id   6R4X
#
_cell.length_a   37.237
_cell.length_b   42.933
_cell.length_c   121.227
_cell.angle_alpha   90.00
_cell.angle_beta   96.64
_cell.angle_gamma   90.00
#
_symmetry.space_group_name_H-M   'P 1 21 1'
#
loop_
_entity.id
_entity.type
_entity.pdbx_description
1 polymer 'Pro-Pro endopeptidase'
2 polymer ACE-GLU-VAL-ASN-PRO-ALA-VAL-LPD
3 non-polymer 'ZINC ION'
4 water water
#
loop_
_entity_poly.entity_id
_entity_poly.type
_entity_poly.pdbx_seq_one_letter_code
_entity_poly.pdbx_strand_id
1 'polypeptide(L)'
;GSHMDSTTIQQNKDTLSQIVVFPTGNYDKNEANAMVNRLANIDGKYLNALKQNNLKIKLLSGKLTDEKEYAYLKGVVPKG
WEGTGKTWDDVPGLGGSTVALRIGFSNKGKGHDAINLELHATAHAIDHIVLNDISKSAQFKQIFAKEGRSLGNVNFLGVY
PEEFFAESFAYYYLNQDTNSKLKSACPQTYSFLQNLAK
;
A,B
2 'polypeptide(L)' (ACE)EVNPAV(LPD) C,D
#
# COMPACT_ATOMS: atom_id res chain seq x y z
N MET A 4 8.88 23.68 -9.29
CA MET A 4 9.06 24.83 -8.40
C MET A 4 10.48 25.39 -8.53
N ASP A 5 10.58 26.62 -9.04
CA ASP A 5 11.87 27.26 -9.20
C ASP A 5 12.61 27.33 -7.87
N SER A 6 13.92 27.54 -7.95
CA SER A 6 14.73 27.66 -6.75
C SER A 6 14.29 28.84 -5.90
N THR A 7 13.98 29.96 -6.55
CA THR A 7 13.55 31.14 -5.82
C THR A 7 12.24 30.90 -5.08
N THR A 8 11.35 30.10 -5.66
CA THR A 8 10.09 29.81 -4.99
C THR A 8 10.30 28.86 -3.82
N ILE A 9 11.16 27.85 -3.98
CA ILE A 9 11.51 26.99 -2.86
C ILE A 9 12.16 27.80 -1.75
N GLN A 10 13.07 28.71 -2.11
CA GLN A 10 13.68 29.57 -1.10
C GLN A 10 12.62 30.43 -0.43
N GLN A 11 11.71 31.00 -1.22
CA GLN A 11 10.64 31.80 -0.62
C GLN A 11 9.85 30.99 0.39
N ASN A 12 9.57 29.72 0.06
CA ASN A 12 8.82 28.87 0.98
C ASN A 12 9.65 28.57 2.23
N LYS A 13 10.95 28.38 2.07
CA LYS A 13 11.80 28.15 3.23
C LYS A 13 11.82 29.39 4.13
N ASP A 14 11.83 30.57 3.53
CA ASP A 14 11.75 31.80 4.30
C ASP A 14 10.44 31.89 5.06
N THR A 15 9.32 31.58 4.39
CA THR A 15 8.04 31.57 5.06
C THR A 15 8.04 30.57 6.21
N LEU A 16 8.60 29.38 5.98
CA LEU A 16 8.65 28.37 7.04
C LEU A 16 9.55 28.80 8.18
N SER A 17 10.56 29.64 7.92
CA SER A 17 11.41 30.17 8.99
C SER A 17 10.60 30.93 10.02
N GLN A 18 9.42 31.44 9.65
CA GLN A 18 8.56 32.17 10.55
C GLN A 18 7.52 31.26 11.21
N ILE A 19 7.45 30.00 10.82
CA ILE A 19 6.42 29.09 11.30
C ILE A 19 7.00 27.95 12.12
N VAL A 20 8.18 27.47 11.75
CA VAL A 20 8.77 26.31 12.41
C VAL A 20 9.40 26.73 13.73
N VAL A 21 9.10 25.97 14.78
CA VAL A 21 9.65 26.18 16.12
C VAL A 21 10.51 24.97 16.45
N PHE A 22 11.76 25.21 16.77
CA PHE A 22 12.67 24.12 17.12
C PHE A 22 12.69 23.91 18.63
N PRO A 23 13.01 22.71 19.10
CA PRO A 23 12.93 22.46 20.54
C PRO A 23 14.17 23.01 21.24
N THR A 24 14.03 23.17 22.55
CA THR A 24 15.18 23.48 23.38
C THR A 24 15.96 22.20 23.66
N GLY A 25 17.23 22.37 24.01
CA GLY A 25 18.04 21.20 24.25
C GLY A 25 18.65 20.65 22.98
N ASN A 26 19.20 19.44 23.10
CA ASN A 26 19.88 18.82 21.99
C ASN A 26 18.88 18.12 21.08
N TYR A 27 19.14 18.18 19.78
CA TYR A 27 18.31 17.49 18.80
C TYR A 27 19.10 17.38 17.50
N ASP A 28 18.54 16.62 16.56
CA ASP A 28 19.16 16.39 15.25
C ASP A 28 18.88 17.60 14.37
N LYS A 29 19.84 18.52 14.31
CA LYS A 29 19.63 19.74 13.53
C LYS A 29 19.56 19.45 12.04
N ASN A 30 20.38 18.51 11.56
CA ASN A 30 20.35 18.17 10.14
C ASN A 30 19.00 17.59 9.74
N GLU A 31 18.46 16.69 10.56
CA GLU A 31 17.15 16.11 10.24
C GLU A 31 16.04 17.14 10.37
N ALA A 32 16.12 18.03 11.38
CA ALA A 32 15.15 19.10 11.48
C ALA A 32 15.14 19.96 10.23
N ASN A 33 16.32 20.28 9.70
CA ASN A 33 16.41 21.05 8.46
C ASN A 33 15.85 20.24 7.29
N ALA A 34 16.10 18.93 7.27
CA ALA A 34 15.57 18.10 6.20
C ALA A 34 14.04 18.10 6.21
N MET A 35 13.44 18.11 7.40
CA MET A 35 11.98 18.16 7.49
C MET A 35 11.46 19.49 6.96
N VAL A 36 12.12 20.60 7.30
CA VAL A 36 11.71 21.90 6.78
C VAL A 36 11.82 21.93 5.26
N ASN A 37 12.89 21.34 4.73
CA ASN A 37 13.08 21.34 3.28
C ASN A 37 11.97 20.57 2.57
N ARG A 38 11.49 19.49 3.19
CA ARG A 38 10.39 18.75 2.58
C ARG A 38 9.08 19.53 2.68
N LEU A 39 8.87 20.24 3.79
CA LEU A 39 7.70 21.10 3.91
C LEU A 39 7.76 22.26 2.91
N ALA A 40 8.96 22.67 2.51
CA ALA A 40 9.10 23.80 1.59
C ALA A 40 8.54 23.51 0.20
N ASN A 41 8.24 22.25 -0.12
CA ASN A 41 7.63 21.91 -1.40
C ASN A 41 6.13 22.12 -1.41
N ILE A 42 5.51 22.39 -0.26
CA ILE A 42 4.11 22.73 -0.23
C ILE A 42 3.89 24.05 -0.94
N ASP A 43 2.79 24.17 -1.68
CA ASP A 43 2.47 25.40 -2.37
C ASP A 43 2.54 26.59 -1.43
N GLY A 44 3.27 27.63 -1.84
CA GLY A 44 3.46 28.79 -0.99
C GLY A 44 2.17 29.46 -0.58
N LYS A 45 1.11 29.28 -1.37
CA LYS A 45 -0.19 29.81 -0.99
C LYS A 45 -0.63 29.29 0.37
N TYR A 46 -0.46 27.99 0.61
CA TYR A 46 -0.86 27.41 1.89
C TYR A 46 0.09 27.83 2.99
N LEU A 47 1.40 27.86 2.71
CA LEU A 47 2.38 28.22 3.72
C LEU A 47 2.18 29.65 4.19
N ASN A 48 1.87 30.56 3.26
CA ASN A 48 1.66 31.95 3.65
C ASN A 48 0.40 32.09 4.51
N ALA A 49 -0.63 31.30 4.21
CA ALA A 49 -1.84 31.34 5.03
C ALA A 49 -1.58 30.78 6.42
N LEU A 50 -0.74 29.75 6.52
CA LEU A 50 -0.36 29.26 7.85
C LEU A 50 0.35 30.34 8.63
N LYS A 51 1.30 31.04 7.99
CA LYS A 51 2.02 32.10 8.67
C LYS A 51 1.09 33.23 9.08
N GLN A 52 0.14 33.59 8.21
CA GLN A 52 -0.81 34.64 8.56
C GLN A 52 -1.64 34.28 9.77
N ASN A 53 -1.97 32.99 9.93
CA ASN A 53 -2.78 32.54 11.07
C ASN A 53 -1.93 32.22 12.30
N ASN A 54 -0.65 32.59 12.27
N ASN A 54 -0.64 32.55 12.27
CA ASN A 54 0.29 32.31 13.37
CA ASN A 54 0.26 32.33 13.41
C ASN A 54 0.20 30.85 13.80
C ASN A 54 0.43 30.85 13.74
N LEU A 55 0.05 29.96 12.82
CA LEU A 55 0.18 28.53 13.08
C LEU A 55 1.66 28.18 13.21
N LYS A 56 2.00 27.48 14.28
CA LYS A 56 3.38 27.06 14.51
C LYS A 56 3.53 25.58 14.23
N ILE A 57 4.61 25.23 13.53
CA ILE A 57 4.99 23.84 13.28
C ILE A 57 6.10 23.51 14.29
N LYS A 58 5.73 22.84 15.38
CA LYS A 58 6.66 22.56 16.46
C LYS A 58 7.37 21.24 16.20
N LEU A 59 8.70 21.29 16.12
CA LEU A 59 9.54 20.10 16.02
C LEU A 59 10.01 19.74 17.42
N LEU A 60 9.88 18.46 17.78
CA LEU A 60 10.03 18.02 19.16
C LEU A 60 11.16 17.03 19.31
N SER A 61 11.83 17.12 20.46
CA SER A 61 12.88 16.18 20.87
C SER A 61 12.36 14.98 21.61
N GLY A 62 11.09 15.00 22.03
CA GLY A 62 10.53 13.93 22.82
C GLY A 62 9.11 13.60 22.42
N LYS A 63 8.36 12.95 23.32
CA LYS A 63 6.99 12.58 23.01
C LYS A 63 6.11 13.83 22.94
N LEU A 64 5.06 13.74 22.12
CA LEU A 64 4.11 14.84 22.01
C LEU A 64 3.49 15.17 23.35
N THR A 65 3.12 14.16 24.13
CA THR A 65 2.43 14.38 25.39
C THR A 65 3.33 14.92 26.49
N ASP A 66 4.64 15.03 26.24
CA ASP A 66 5.50 15.75 27.17
C ASP A 66 5.33 17.26 27.06
N GLU A 67 4.68 17.73 25.99
CA GLU A 67 4.39 19.15 25.84
C GLU A 67 3.15 19.53 26.64
N LYS A 68 3.23 20.66 27.33
CA LYS A 68 2.13 21.14 28.16
C LYS A 68 0.80 21.06 27.42
N GLU A 69 0.77 21.53 26.18
CA GLU A 69 -0.49 21.67 25.46
C GLU A 69 -1.11 20.32 25.08
N TYR A 70 -0.33 19.24 25.12
CA TYR A 70 -0.83 17.92 24.77
C TYR A 70 -0.84 16.95 25.96
N ALA A 71 -0.53 17.42 27.16
CA ALA A 71 -0.53 16.52 28.32
C ALA A 71 -1.90 15.90 28.54
N TYR A 72 -2.97 16.61 28.19
CA TYR A 72 -4.32 16.07 28.39
C TYR A 72 -4.57 14.83 27.57
N LEU A 73 -3.74 14.56 26.56
CA LEU A 73 -3.89 13.39 25.71
C LEU A 73 -3.14 12.17 26.23
N LYS A 74 -2.47 12.28 27.37
CA LYS A 74 -1.76 11.14 27.93
C LYS A 74 -2.71 9.97 28.13
N GLY A 75 -2.35 8.82 27.57
CA GLY A 75 -3.15 7.62 27.73
C GLY A 75 -4.36 7.53 26.83
N VAL A 76 -4.60 8.52 25.98
CA VAL A 76 -5.77 8.52 25.11
C VAL A 76 -5.42 7.84 23.80
N VAL A 77 -6.35 7.01 23.32
CA VAL A 77 -6.18 6.28 22.07
C VAL A 77 -6.67 7.20 20.94
N PRO A 78 -5.82 7.57 19.99
CA PRO A 78 -6.27 8.48 18.92
C PRO A 78 -7.31 7.82 18.03
N LYS A 79 -8.08 8.68 17.36
CA LYS A 79 -8.98 8.23 16.31
C LYS A 79 -8.24 7.34 15.32
N GLY A 80 -8.79 6.16 15.08
CA GLY A 80 -8.23 5.23 14.11
C GLY A 80 -7.10 4.37 14.63
N TRP A 81 -6.63 4.59 15.85
CA TRP A 81 -5.55 3.82 16.43
C TRP A 81 -6.05 2.70 17.34
N GLU A 82 -7.34 2.40 17.30
CA GLU A 82 -7.87 1.29 18.07
C GLU A 82 -7.20 0.00 17.66
N GLY A 83 -6.73 -0.76 18.65
CA GLY A 83 -6.09 -2.03 18.41
C GLY A 83 -4.60 -1.97 18.19
N THR A 84 -4.04 -0.79 17.90
CA THR A 84 -2.60 -0.69 17.77
C THR A 84 -1.88 -0.92 19.09
N GLY A 85 -2.61 -0.82 20.20
CA GLY A 85 -2.04 -0.93 21.53
C GLY A 85 -1.32 0.30 22.04
N LYS A 86 -1.40 1.42 21.35
CA LYS A 86 -0.75 2.65 21.78
C LYS A 86 -1.76 3.78 22.01
N THR A 87 -1.25 4.84 22.60
CA THR A 87 -1.97 6.07 22.90
C THR A 87 -1.20 7.23 22.29
N TRP A 88 -1.72 8.44 22.50
CA TRP A 88 -1.06 9.63 21.97
C TRP A 88 0.39 9.72 22.43
N ASP A 89 0.71 9.15 23.59
CA ASP A 89 2.08 9.21 24.10
C ASP A 89 3.08 8.70 23.07
N ASP A 90 2.67 7.71 22.26
CA ASP A 90 3.55 7.05 21.30
C ASP A 90 3.39 7.58 19.88
N VAL A 91 2.48 8.51 19.65
CA VAL A 91 2.19 8.98 18.29
C VAL A 91 3.24 10.02 17.90
N PRO A 92 3.87 9.90 16.74
CA PRO A 92 4.97 10.83 16.40
C PRO A 92 4.53 12.16 15.78
N GLY A 93 3.28 12.31 15.37
CA GLY A 93 2.84 13.52 14.70
C GLY A 93 1.41 13.86 15.00
N LEU A 94 1.12 15.16 15.06
CA LEU A 94 -0.21 15.68 15.35
C LEU A 94 -0.49 16.87 14.45
N GLY A 95 -1.70 16.93 13.91
CA GLY A 95 -2.08 18.01 13.02
C GLY A 95 -3.53 18.39 13.19
N GLY A 96 -3.82 19.68 12.99
CA GLY A 96 -5.15 20.21 13.14
C GLY A 96 -5.11 21.69 13.46
N SER A 97 -5.58 22.08 14.65
N SER A 97 -5.58 22.08 14.65
CA SER A 97 -5.43 23.46 15.09
CA SER A 97 -5.43 23.46 15.09
C SER A 97 -3.97 23.80 15.38
C SER A 97 -3.98 23.81 15.39
N THR A 98 -3.15 22.80 15.64
CA THR A 98 -1.72 22.96 15.87
C THR A 98 -1.00 21.90 15.05
N VAL A 99 0.34 21.97 15.05
CA VAL A 99 1.17 20.97 14.40
C VAL A 99 2.34 20.65 15.32
N ALA A 100 2.56 19.36 15.59
CA ALA A 100 3.66 18.91 16.44
C ALA A 100 4.23 17.64 15.84
N LEU A 101 5.55 17.57 15.74
CA LEU A 101 6.21 16.50 15.00
C LEU A 101 7.50 16.09 15.70
N ARG A 102 7.73 14.78 15.79
CA ARG A 102 8.94 14.24 16.39
C ARG A 102 10.04 14.17 15.33
N ILE A 103 11.19 14.79 15.61
CA ILE A 103 12.29 14.78 14.67
C ILE A 103 12.79 13.35 14.48
N GLY A 104 13.02 12.96 13.23
CA GLY A 104 13.54 11.65 12.91
C GLY A 104 12.50 10.62 12.55
N PHE A 105 11.20 10.92 12.74
CA PHE A 105 10.14 9.98 12.48
C PHE A 105 9.41 10.26 11.18
N SER A 106 10.06 10.96 10.25
CA SER A 106 9.37 11.38 9.03
C SER A 106 8.95 10.19 8.18
N ASN A 107 9.82 9.20 8.04
CA ASN A 107 9.63 8.17 7.01
C ASN A 107 8.58 7.15 7.44
N LYS A 108 7.91 6.58 6.44
CA LYS A 108 6.94 5.52 6.67
C LYS A 108 7.58 4.39 7.47
N GLY A 109 6.88 3.97 8.52
CA GLY A 109 7.35 2.90 9.37
C GLY A 109 7.97 3.35 10.68
N LYS A 110 8.12 4.66 10.90
CA LYS A 110 8.70 5.17 12.14
C LYS A 110 7.55 5.56 13.07
N GLY A 111 6.95 4.54 13.68
CA GLY A 111 5.78 4.76 14.51
C GLY A 111 4.55 5.23 13.79
N HIS A 112 4.55 5.20 12.46
CA HIS A 112 3.40 5.60 11.67
C HIS A 112 3.56 4.97 10.28
N ASP A 113 2.49 5.05 9.49
CA ASP A 113 2.46 4.47 8.16
C ASP A 113 2.11 5.48 7.08
N ALA A 114 2.25 6.77 7.36
CA ALA A 114 2.10 7.79 6.33
C ALA A 114 3.32 7.81 5.42
N ILE A 115 3.13 8.32 4.20
CA ILE A 115 4.25 8.45 3.27
C ILE A 115 5.25 9.47 3.79
N ASN A 116 4.80 10.43 4.60
CA ASN A 116 5.70 11.38 5.24
C ASN A 116 4.96 12.05 6.41
N LEU A 117 5.61 12.04 7.58
CA LEU A 117 4.94 12.49 8.79
C LEU A 117 4.57 13.97 8.71
N GLU A 118 5.53 14.83 8.38
CA GLU A 118 5.28 16.26 8.50
C GLU A 118 4.30 16.78 7.47
N LEU A 119 4.30 16.22 6.26
N LEU A 119 4.29 16.21 6.27
CA LEU A 119 3.35 16.67 5.24
CA LEU A 119 3.35 16.67 5.24
C LEU A 119 1.93 16.24 5.59
C LEU A 119 1.93 16.23 5.56
N HIS A 120 1.77 15.02 6.12
CA HIS A 120 0.45 14.58 6.53
C HIS A 120 -0.10 15.43 7.66
N ALA A 121 0.74 15.69 8.67
CA ALA A 121 0.29 16.49 9.80
C ALA A 121 0.00 17.93 9.39
N THR A 122 0.89 18.54 8.60
CA THR A 122 0.66 19.92 8.17
C THR A 122 -0.54 20.02 7.23
N ALA A 123 -0.82 18.95 6.48
CA ALA A 123 -2.02 18.96 5.64
C ALA A 123 -3.27 19.10 6.48
N HIS A 124 -3.29 18.46 7.65
CA HIS A 124 -4.41 18.62 8.57
C HIS A 124 -4.60 20.08 8.98
N ALA A 125 -3.49 20.78 9.25
CA ALA A 125 -3.58 22.18 9.63
C ALA A 125 -4.08 23.03 8.47
N ILE A 126 -3.60 22.75 7.26
CA ILE A 126 -4.08 23.48 6.08
C ILE A 126 -5.56 23.22 5.87
N ASP A 127 -5.96 21.96 5.94
CA ASP A 127 -7.37 21.60 5.83
C ASP A 127 -8.22 22.37 6.83
N HIS A 128 -7.83 22.33 8.11
CA HIS A 128 -8.68 22.85 9.17
C HIS A 128 -8.60 24.37 9.25
N ILE A 129 -7.39 24.93 9.23
CA ILE A 129 -7.20 26.36 9.46
C ILE A 129 -7.34 27.15 8.16
N VAL A 130 -6.66 26.73 7.11
CA VAL A 130 -6.59 27.54 5.89
C VAL A 130 -7.82 27.33 5.02
N LEU A 131 -8.32 26.11 4.94
CA LEU A 131 -9.36 25.75 4.00
C LEU A 131 -10.70 25.46 4.66
N ASN A 132 -10.85 25.80 5.94
CA ASN A 132 -12.14 25.75 6.62
C ASN A 132 -12.77 24.35 6.52
N ASP A 133 -11.94 23.34 6.79
CA ASP A 133 -12.40 21.95 6.86
C ASP A 133 -12.99 21.49 5.54
N ILE A 134 -12.27 21.77 4.44
CA ILE A 134 -12.73 21.37 3.12
C ILE A 134 -12.82 19.85 2.99
N SER A 135 -12.06 19.11 3.80
CA SER A 135 -12.08 17.65 3.69
C SER A 135 -13.43 17.08 4.08
N LYS A 136 -14.24 17.81 4.83
CA LYS A 136 -15.59 17.38 5.17
C LYS A 136 -16.64 18.15 4.38
N SER A 137 -16.23 18.89 3.34
CA SER A 137 -17.19 19.49 2.43
C SER A 137 -17.91 18.40 1.63
N ALA A 138 -19.12 18.73 1.16
CA ALA A 138 -19.86 17.78 0.35
C ALA A 138 -19.08 17.40 -0.89
N GLN A 139 -18.34 18.35 -1.47
CA GLN A 139 -17.59 18.06 -2.68
C GLN A 139 -16.55 16.98 -2.43
N PHE A 140 -15.71 17.17 -1.41
CA PHE A 140 -14.66 16.18 -1.16
C PHE A 140 -15.23 14.85 -0.70
N LYS A 141 -16.33 14.88 0.07
CA LYS A 141 -16.93 13.63 0.52
C LYS A 141 -17.37 12.77 -0.65
N GLN A 142 -17.84 13.39 -1.74
CA GLN A 142 -18.17 12.64 -2.95
C GLN A 142 -16.93 12.03 -3.58
N ILE A 143 -15.83 12.80 -3.65
CA ILE A 143 -14.57 12.25 -4.14
C ILE A 143 -14.06 11.16 -3.21
N PHE A 144 -14.13 11.41 -1.90
CA PHE A 144 -13.68 10.43 -0.91
C PHE A 144 -14.46 9.13 -1.04
N ALA A 145 -15.77 9.22 -1.28
CA ALA A 145 -16.59 8.01 -1.40
C ALA A 145 -16.08 7.11 -2.51
N LYS A 146 -15.58 7.70 -3.60
CA LYS A 146 -15.14 6.89 -4.73
C LYS A 146 -13.70 6.41 -4.56
N GLU A 147 -12.80 7.33 -4.21
CA GLU A 147 -11.36 7.07 -4.29
C GLU A 147 -10.69 6.91 -2.94
N GLY A 148 -11.43 7.05 -1.84
CA GLY A 148 -10.82 7.05 -0.52
C GLY A 148 -10.19 5.74 -0.10
N ARG A 149 -10.44 4.65 -0.82
CA ARG A 149 -9.89 3.35 -0.49
C ARG A 149 -8.82 2.90 -1.47
N SER A 150 -8.31 3.81 -2.29
CA SER A 150 -7.35 3.46 -3.33
C SER A 150 -5.91 3.79 -2.96
N LEU A 151 -5.67 4.29 -1.75
CA LEU A 151 -4.33 4.59 -1.28
C LEU A 151 -3.87 3.67 -0.15
N GLY A 152 -4.58 2.57 0.08
CA GLY A 152 -4.25 1.69 1.17
C GLY A 152 -4.75 2.19 2.51
N ASN A 153 -4.36 1.46 3.56
CA ASN A 153 -4.80 1.73 4.93
C ASN A 153 -6.28 2.07 4.97
N VAL A 154 -7.07 1.22 4.30
CA VAL A 154 -8.48 1.53 4.07
C VAL A 154 -9.27 1.69 5.36
N ASN A 155 -8.75 1.19 6.47
CA ASN A 155 -9.46 1.29 7.75
C ASN A 155 -9.12 2.59 8.47
N PHE A 156 -8.31 3.45 7.87
CA PHE A 156 -8.01 4.77 8.39
C PHE A 156 -8.25 5.81 7.31
N LEU A 157 -7.53 5.71 6.20
CA LEU A 157 -7.70 6.64 5.10
C LEU A 157 -9.06 6.46 4.42
N GLY A 158 -9.49 5.22 4.25
CA GLY A 158 -10.75 4.96 3.60
C GLY A 158 -11.97 5.20 4.45
N VAL A 159 -11.76 5.59 5.72
CA VAL A 159 -12.84 5.77 6.65
C VAL A 159 -13.02 7.22 7.08
N TYR A 160 -11.95 8.00 7.18
CA TYR A 160 -12.02 9.38 7.64
C TYR A 160 -11.64 10.30 6.50
N PRO A 161 -12.57 11.06 5.92
CA PRO A 161 -12.20 11.91 4.78
C PRO A 161 -11.06 12.86 5.09
N GLU A 162 -10.96 13.37 6.32
CA GLU A 162 -9.88 14.29 6.65
C GLU A 162 -8.52 13.58 6.60
N GLU A 163 -8.49 12.27 6.84
CA GLU A 163 -7.24 11.53 6.76
C GLU A 163 -6.89 11.20 5.30
N PHE A 164 -7.90 10.87 4.50
CA PHE A 164 -7.65 10.71 3.06
C PHE A 164 -7.14 12.00 2.44
N PHE A 165 -7.73 13.13 2.84
CA PHE A 165 -7.25 14.42 2.33
C PHE A 165 -5.79 14.63 2.72
N ALA A 166 -5.46 14.45 4.00
CA ALA A 166 -4.11 14.73 4.47
C ALA A 166 -3.08 13.85 3.79
N GLU A 167 -3.36 12.56 3.64
CA GLU A 167 -2.40 11.68 2.98
C GLU A 167 -2.31 11.99 1.50
N SER A 168 -3.44 12.24 0.85
N SER A 168 -3.44 12.26 0.85
CA SER A 168 -3.42 12.65 -0.55
CA SER A 168 -3.39 12.64 -0.57
C SER A 168 -2.61 13.93 -0.73
C SER A 168 -2.63 13.94 -0.76
N PHE A 169 -2.81 14.90 0.16
CA PHE A 169 -2.02 16.13 0.13
C PHE A 169 -0.53 15.84 0.24
N ALA A 170 -0.17 14.91 1.13
CA ALA A 170 1.24 14.54 1.28
C ALA A 170 1.77 13.89 0.01
N TYR A 171 0.99 12.98 -0.60
CA TYR A 171 1.39 12.39 -1.87
C TYR A 171 1.61 13.46 -2.92
N TYR A 172 0.73 14.46 -2.97
CA TYR A 172 0.81 15.48 -4.01
C TYR A 172 2.10 16.28 -3.92
N TYR A 173 2.56 16.54 -2.70
CA TYR A 173 3.62 17.51 -2.49
C TYR A 173 4.95 16.93 -2.03
N LEU A 174 5.01 15.65 -1.66
CA LEU A 174 6.26 15.09 -1.17
C LEU A 174 7.34 15.12 -2.25
N ASN A 175 7.08 14.46 -3.38
CA ASN A 175 8.01 14.45 -4.50
C ASN A 175 7.27 14.04 -5.76
N GLN A 176 8.00 13.99 -6.88
CA GLN A 176 7.38 13.70 -8.16
C GLN A 176 6.85 12.28 -8.22
N ASP A 177 7.56 11.33 -7.60
CA ASP A 177 7.12 9.94 -7.60
C ASP A 177 5.76 9.80 -6.91
N THR A 178 5.62 10.35 -5.70
CA THR A 178 4.36 10.22 -4.99
C THR A 178 3.26 11.03 -5.68
N ASN A 179 3.62 12.19 -6.23
CA ASN A 179 2.65 12.98 -6.98
C ASN A 179 2.12 12.19 -8.17
N SER A 180 3.00 11.46 -8.86
N SER A 180 3.00 11.45 -8.86
CA SER A 180 2.56 10.62 -9.98
CA SER A 180 2.55 10.63 -9.98
C SER A 180 1.71 9.46 -9.49
C SER A 180 1.72 9.45 -9.50
N LYS A 181 2.08 8.86 -8.35
CA LYS A 181 1.31 7.75 -7.82
C LYS A 181 -0.11 8.17 -7.50
N LEU A 182 -0.29 9.36 -6.91
CA LEU A 182 -1.63 9.83 -6.58
C LEU A 182 -2.46 10.05 -7.84
N LYS A 183 -1.86 10.66 -8.87
CA LYS A 183 -2.62 10.92 -10.09
C LYS A 183 -3.16 9.63 -10.69
N SER A 184 -2.37 8.54 -10.64
N SER A 184 -2.37 8.54 -10.64
CA SER A 184 -2.80 7.28 -11.20
CA SER A 184 -2.82 7.28 -11.21
C SER A 184 -3.82 6.57 -10.32
C SER A 184 -3.84 6.58 -10.32
N ALA A 185 -3.70 6.71 -9.00
CA ALA A 185 -4.59 6.00 -8.09
C ALA A 185 -5.89 6.77 -7.84
N CYS A 186 -5.80 8.09 -7.67
CA CYS A 186 -6.95 8.91 -7.29
C CYS A 186 -7.02 10.14 -8.20
N PRO A 187 -7.42 9.95 -9.46
CA PRO A 187 -7.41 11.09 -10.39
C PRO A 187 -8.32 12.23 -9.98
N GLN A 188 -9.50 11.93 -9.43
CA GLN A 188 -10.40 13.01 -8.99
C GLN A 188 -9.79 13.78 -7.83
N THR A 189 -9.18 13.07 -6.87
CA THR A 189 -8.47 13.75 -5.79
C THR A 189 -7.33 14.60 -6.34
N TYR A 190 -6.57 14.06 -7.29
CA TYR A 190 -5.45 14.80 -7.86
C TYR A 190 -5.93 16.09 -8.52
N SER A 191 -6.97 16.00 -9.34
CA SER A 191 -7.51 17.21 -9.96
C SER A 191 -8.07 18.17 -8.92
N PHE A 192 -8.69 17.64 -7.87
CA PHE A 192 -9.22 18.48 -6.80
C PHE A 192 -8.11 19.29 -6.15
N LEU A 193 -7.01 18.63 -5.78
CA LEU A 193 -5.90 19.35 -5.15
C LEU A 193 -5.25 20.31 -6.14
N GLN A 194 -5.16 19.92 -7.40
CA GLN A 194 -4.59 20.79 -8.42
C GLN A 194 -5.39 22.09 -8.55
N ASN A 195 -6.72 21.99 -8.54
CA ASN A 195 -7.56 23.17 -8.61
C ASN A 195 -7.51 23.97 -7.31
N LEU A 196 -7.32 23.30 -6.17
CA LEU A 196 -7.26 24.01 -4.90
C LEU A 196 -6.13 25.02 -4.86
N ALA A 197 -5.01 24.71 -5.51
CA ALA A 197 -3.83 25.56 -5.44
C ALA A 197 -3.90 26.75 -6.38
N LYS A 198 -4.80 26.72 -7.36
CA LYS A 198 -4.90 27.82 -8.31
C LYS A 198 -5.37 29.11 -7.64
N THR B 7 -15.53 -22.04 4.83
CA THR B 7 -14.57 -22.72 5.69
C THR B 7 -13.89 -21.75 6.64
N THR B 8 -13.64 -22.20 7.86
CA THR B 8 -12.95 -21.38 8.85
C THR B 8 -11.45 -21.31 8.54
N ILE B 9 -10.75 -20.43 9.26
CA ILE B 9 -9.30 -20.40 9.20
C ILE B 9 -8.72 -21.73 9.66
N GLN B 10 -9.33 -22.32 10.69
CA GLN B 10 -8.86 -23.61 11.19
C GLN B 10 -8.93 -24.66 10.10
N GLN B 11 -10.05 -24.74 9.38
CA GLN B 11 -10.18 -25.71 8.30
C GLN B 11 -9.16 -25.47 7.21
N ASN B 12 -8.93 -24.21 6.84
CA ASN B 12 -7.99 -23.93 5.76
C ASN B 12 -6.55 -24.29 6.15
N LYS B 13 -6.16 -24.01 7.40
CA LYS B 13 -4.82 -24.39 7.84
C LYS B 13 -4.68 -25.91 7.89
N ASP B 14 -5.73 -26.62 8.26
CA ASP B 14 -5.69 -28.08 8.21
C ASP B 14 -5.49 -28.56 6.77
N THR B 15 -6.24 -27.98 5.84
CA THR B 15 -6.05 -28.30 4.43
C THR B 15 -4.64 -27.96 3.97
N LEU B 16 -4.14 -26.79 4.37
CA LEU B 16 -2.79 -26.41 3.95
C LEU B 16 -1.73 -27.32 4.54
N SER B 17 -2.00 -27.91 5.71
CA SER B 17 -1.07 -28.88 6.27
C SER B 17 -0.87 -30.08 5.36
N GLN B 18 -1.83 -30.39 4.50
CA GLN B 18 -1.73 -31.54 3.60
C GLN B 18 -1.24 -31.20 2.21
N ILE B 19 -1.15 -29.93 1.84
CA ILE B 19 -0.78 -29.57 0.48
C ILE B 19 0.54 -28.81 0.47
N VAL B 20 0.82 -28.07 1.53
CA VAL B 20 2.04 -27.30 1.61
C VAL B 20 3.20 -28.25 1.89
N VAL B 21 4.27 -28.14 1.10
CA VAL B 21 5.46 -28.96 1.24
C VAL B 21 6.61 -28.06 1.64
N PHE B 22 7.26 -28.36 2.75
CA PHE B 22 8.39 -27.55 3.18
C PHE B 22 9.69 -28.12 2.65
N PRO B 23 10.70 -27.27 2.47
CA PRO B 23 11.93 -27.69 1.81
C PRO B 23 12.92 -28.35 2.76
N THR B 24 13.93 -28.96 2.16
CA THR B 24 15.09 -29.42 2.91
C THR B 24 15.99 -28.23 3.24
N GLY B 25 16.81 -28.40 4.26
CA GLY B 25 17.73 -27.37 4.70
C GLY B 25 17.12 -26.36 5.64
N ASN B 26 17.95 -25.38 6.01
CA ASN B 26 17.58 -24.35 6.96
C ASN B 26 17.01 -23.13 6.24
N TYR B 27 16.03 -22.49 6.86
CA TYR B 27 15.41 -21.28 6.32
C TYR B 27 14.63 -20.59 7.44
N ASP B 28 14.05 -19.44 7.12
CA ASP B 28 13.27 -18.67 8.08
C ASP B 28 11.91 -19.34 8.24
N LYS B 29 11.79 -20.19 9.27
CA LYS B 29 10.57 -20.95 9.47
C LYS B 29 9.39 -20.05 9.80
N ASN B 30 9.64 -18.97 10.55
CA ASN B 30 8.57 -18.04 10.88
C ASN B 30 7.98 -17.43 9.61
N GLU B 31 8.83 -17.07 8.65
CA GLU B 31 8.33 -16.50 7.40
C GLU B 31 7.57 -17.55 6.58
N ALA B 32 8.06 -18.79 6.58
CA ALA B 32 7.31 -19.86 5.92
C ALA B 32 5.91 -19.99 6.51
N ASN B 33 5.80 -19.89 7.84
CA ASN B 33 4.50 -19.93 8.48
C ASN B 33 3.64 -18.74 8.08
N ALA B 34 4.27 -17.57 7.93
CA ALA B 34 3.53 -16.39 7.49
C ALA B 34 2.97 -16.58 6.09
N MET B 35 3.70 -17.26 5.22
CA MET B 35 3.19 -17.54 3.88
C MET B 35 1.98 -18.44 3.95
N VAL B 36 2.01 -19.45 4.83
CA VAL B 36 0.85 -20.32 5.01
C VAL B 36 -0.34 -19.51 5.52
N ASN B 37 -0.10 -18.59 6.43
CA ASN B 37 -1.19 -17.79 6.98
C ASN B 37 -1.84 -16.93 5.90
N ARG B 38 -1.04 -16.40 4.97
CA ARG B 38 -1.60 -15.61 3.88
C ARG B 38 -2.35 -16.51 2.90
N LEU B 39 -1.83 -17.70 2.65
CA LEU B 39 -2.56 -18.65 1.81
C LEU B 39 -3.88 -19.04 2.46
N ALA B 40 -3.95 -19.03 3.78
CA ALA B 40 -5.16 -19.41 4.49
C ALA B 40 -6.31 -18.45 4.28
N ASN B 41 -6.06 -17.27 3.69
CA ASN B 41 -7.14 -16.34 3.40
C ASN B 41 -7.87 -16.68 2.10
N ILE B 42 -7.34 -17.59 1.29
CA ILE B 42 -8.04 -18.04 0.10
C ILE B 42 -9.25 -18.84 0.52
N ASP B 43 -10.35 -18.67 -0.22
CA ASP B 43 -11.56 -19.44 0.04
C ASP B 43 -11.24 -20.93 0.09
N GLY B 44 -11.67 -21.59 1.16
CA GLY B 44 -11.36 -22.99 1.36
C GLY B 44 -11.86 -23.91 0.25
N LYS B 45 -12.90 -23.48 -0.47
CA LYS B 45 -13.37 -24.26 -1.62
C LYS B 45 -12.23 -24.50 -2.61
N TYR B 46 -11.45 -23.45 -2.89
CA TYR B 46 -10.35 -23.59 -3.85
C TYR B 46 -9.22 -24.41 -3.27
N LEU B 47 -8.89 -24.21 -2.00
CA LEU B 47 -7.80 -24.96 -1.39
C LEU B 47 -8.10 -26.46 -1.35
N ASN B 48 -9.34 -26.81 -1.02
CA ASN B 48 -9.73 -28.23 -0.99
C ASN B 48 -9.79 -28.81 -2.39
N ALA B 49 -10.15 -28.00 -3.40
CA ALA B 49 -10.12 -28.47 -4.77
C ALA B 49 -8.69 -28.74 -5.22
N LEU B 50 -7.75 -27.88 -4.80
CA LEU B 50 -6.34 -28.16 -5.07
C LEU B 50 -5.91 -29.46 -4.43
N LYS B 51 -6.31 -29.68 -3.17
CA LYS B 51 -5.97 -30.91 -2.48
C LYS B 51 -6.57 -32.12 -3.18
N GLN B 52 -7.78 -31.98 -3.71
CA GLN B 52 -8.40 -33.08 -4.43
C GLN B 52 -7.58 -33.48 -5.66
N ASN B 53 -6.94 -32.52 -6.31
CA ASN B 53 -6.10 -32.77 -7.47
C ASN B 53 -4.65 -33.04 -7.09
N ASN B 54 -4.36 -33.21 -5.81
CA ASN B 54 -3.01 -33.51 -5.33
C ASN B 54 -2.00 -32.44 -5.74
N LEU B 55 -2.47 -31.19 -5.81
CA LEU B 55 -1.58 -30.07 -6.04
C LEU B 55 -0.82 -29.73 -4.77
N LYS B 56 0.50 -29.63 -4.88
CA LYS B 56 1.35 -29.28 -3.76
C LYS B 56 1.83 -27.85 -3.93
N ILE B 57 1.80 -27.10 -2.83
CA ILE B 57 2.35 -25.75 -2.77
C ILE B 57 3.74 -25.90 -2.16
N LYS B 58 4.76 -25.92 -3.01
CA LYS B 58 6.12 -26.19 -2.57
C LYS B 58 6.82 -24.90 -2.19
N LEU B 59 7.26 -24.82 -0.93
CA LEU B 59 8.07 -23.71 -0.45
C LEU B 59 9.53 -24.10 -0.51
N LEU B 60 10.37 -23.21 -1.03
CA LEU B 60 11.74 -23.55 -1.38
C LEU B 60 12.73 -22.73 -0.59
N SER B 61 13.84 -23.37 -0.21
CA SER B 61 14.97 -22.72 0.44
C SER B 61 15.95 -22.15 -0.57
N GLY B 62 15.80 -22.46 -1.84
CA GLY B 62 16.73 -22.01 -2.87
C GLY B 62 16.02 -21.58 -4.14
N LYS B 63 16.76 -21.55 -5.25
CA LYS B 63 16.18 -21.12 -6.52
C LYS B 63 15.18 -22.16 -7.05
N LEU B 64 14.22 -21.68 -7.85
CA LEU B 64 13.28 -22.60 -8.45
C LEU B 64 14.00 -23.68 -9.25
N THR B 65 15.01 -23.29 -10.02
CA THR B 65 15.73 -24.22 -10.88
C THR B 65 16.69 -25.11 -10.11
N ASP B 66 16.86 -24.89 -8.80
CA ASP B 66 17.62 -25.84 -7.99
C ASP B 66 16.83 -27.12 -7.73
N GLU B 67 15.52 -27.11 -7.95
CA GLU B 67 14.71 -28.31 -7.80
C GLU B 67 14.83 -29.16 -9.06
N LYS B 68 15.06 -30.45 -8.88
CA LYS B 68 15.22 -31.35 -10.02
C LYS B 68 14.12 -31.15 -11.06
N GLU B 69 12.86 -31.03 -10.60
CA GLU B 69 11.74 -31.00 -11.54
C GLU B 69 11.69 -29.73 -12.36
N TYR B 70 12.43 -28.69 -11.97
CA TYR B 70 12.48 -27.44 -12.69
C TYR B 70 13.85 -27.18 -13.31
N ALA B 71 14.75 -28.15 -13.27
CA ALA B 71 16.07 -27.96 -13.87
C ALA B 71 15.97 -27.67 -15.36
N TYR B 72 14.93 -28.19 -16.02
CA TYR B 72 14.78 -27.97 -17.45
C TYR B 72 14.56 -26.51 -17.81
N LEU B 73 14.20 -25.67 -16.83
CA LEU B 73 13.96 -24.26 -17.08
C LEU B 73 15.22 -23.41 -16.92
N LYS B 74 16.36 -24.02 -16.59
CA LYS B 74 17.60 -23.27 -16.46
C LYS B 74 17.91 -22.54 -17.75
N GLY B 75 18.13 -21.23 -17.65
CA GLY B 75 18.48 -20.42 -18.79
C GLY B 75 17.33 -20.00 -19.67
N VAL B 76 16.12 -20.41 -19.36
CA VAL B 76 14.95 -20.09 -20.17
C VAL B 76 14.35 -18.78 -19.71
N VAL B 77 13.97 -17.94 -20.67
CA VAL B 77 13.38 -16.63 -20.39
C VAL B 77 11.86 -16.82 -20.24
N PRO B 78 11.29 -16.50 -19.07
CA PRO B 78 9.85 -16.72 -18.90
C PRO B 78 9.01 -15.80 -19.77
N LYS B 79 7.77 -16.22 -20.01
CA LYS B 79 6.78 -15.38 -20.64
C LYS B 79 6.71 -14.03 -19.94
N GLY B 80 6.81 -12.96 -20.72
CA GLY B 80 6.70 -11.62 -20.20
C GLY B 80 7.95 -11.05 -19.59
N TRP B 81 9.00 -11.86 -19.42
CA TRP B 81 10.25 -11.39 -18.85
C TRP B 81 11.30 -11.07 -19.91
N GLU B 82 10.89 -11.02 -21.17
CA GLU B 82 11.81 -10.64 -22.24
C GLU B 82 12.34 -9.22 -22.01
N GLY B 83 13.66 -9.08 -22.13
CA GLY B 83 14.30 -7.79 -21.95
C GLY B 83 14.71 -7.49 -20.53
N THR B 84 14.18 -8.22 -19.55
CA THR B 84 14.60 -8.01 -18.17
C THR B 84 16.02 -8.45 -17.93
N GLY B 85 16.58 -9.26 -18.82
CA GLY B 85 17.90 -9.81 -18.58
C GLY B 85 17.96 -10.94 -17.60
N LYS B 86 16.82 -11.48 -17.20
CA LYS B 86 16.76 -12.59 -16.27
C LYS B 86 16.14 -13.81 -16.92
N THR B 87 16.28 -14.94 -16.24
CA THR B 87 15.75 -16.21 -16.70
C THR B 87 14.97 -16.84 -15.55
N TRP B 88 14.42 -18.02 -15.79
CA TRP B 88 13.67 -18.71 -14.74
C TRP B 88 14.51 -18.88 -13.49
N ASP B 89 15.83 -18.97 -13.65
CA ASP B 89 16.72 -19.13 -12.49
C ASP B 89 16.49 -18.04 -11.45
N ASP B 90 16.14 -16.83 -11.89
CA ASP B 90 16.01 -15.68 -11.00
C ASP B 90 14.57 -15.42 -10.59
N VAL B 91 13.61 -16.19 -11.09
CA VAL B 91 12.19 -15.93 -10.83
C VAL B 91 11.83 -16.52 -9.47
N PRO B 92 11.19 -15.76 -8.58
CA PRO B 92 10.93 -16.28 -7.23
C PRO B 92 9.68 -17.15 -7.10
N GLY B 93 8.80 -17.19 -8.09
CA GLY B 93 7.56 -17.92 -7.96
C GLY B 93 7.10 -18.51 -9.26
N LEU B 94 6.46 -19.67 -9.19
CA LEU B 94 5.96 -20.40 -10.34
C LEU B 94 4.59 -20.96 -10.01
N GLY B 95 3.65 -20.82 -10.93
CA GLY B 95 2.30 -21.31 -10.72
C GLY B 95 1.70 -21.83 -12.01
N GLY B 96 0.84 -22.84 -11.88
CA GLY B 96 0.19 -23.47 -13.02
C GLY B 96 -0.16 -24.90 -12.72
N SER B 97 0.42 -25.84 -13.46
N SER B 97 0.42 -25.84 -13.46
CA SER B 97 0.25 -27.25 -13.14
CA SER B 97 0.25 -27.25 -13.14
C SER B 97 0.90 -27.60 -11.81
C SER B 97 0.91 -27.62 -11.81
N THR B 98 1.85 -26.80 -11.35
CA THR B 98 2.49 -26.98 -10.05
C THR B 98 2.60 -25.60 -9.42
N VAL B 99 3.05 -25.56 -8.16
CA VAL B 99 3.29 -24.31 -7.46
C VAL B 99 4.61 -24.43 -6.71
N ALA B 100 5.50 -23.46 -6.91
CA ALA B 100 6.80 -23.44 -6.24
C ALA B 100 7.12 -21.98 -5.90
N LEU B 101 7.54 -21.75 -4.65
CA LEU B 101 7.69 -20.40 -4.12
C LEU B 101 8.92 -20.33 -3.24
N ARG B 102 9.69 -19.26 -3.40
CA ARG B 102 10.89 -19.03 -2.62
C ARG B 102 10.53 -18.34 -1.31
N ILE B 103 10.92 -18.97 -0.19
CA ILE B 103 10.62 -18.42 1.13
C ILE B 103 11.32 -17.08 1.28
N GLY B 104 10.59 -16.09 1.77
CA GLY B 104 11.11 -14.76 2.01
C GLY B 104 10.88 -13.77 0.90
N PHE B 105 10.38 -14.22 -0.26
CA PHE B 105 10.19 -13.36 -1.42
C PHE B 105 8.72 -12.99 -1.61
N SER B 106 7.91 -13.07 -0.56
CA SER B 106 6.47 -12.87 -0.72
C SER B 106 6.14 -11.45 -1.19
N ASN B 107 6.82 -10.45 -0.63
CA ASN B 107 6.35 -9.08 -0.77
C ASN B 107 6.69 -8.51 -2.13
N LYS B 108 5.83 -7.59 -2.59
CA LYS B 108 6.06 -6.88 -3.84
C LYS B 108 7.43 -6.22 -3.81
N GLY B 109 8.20 -6.44 -4.89
CA GLY B 109 9.51 -5.86 -5.04
C GLY B 109 10.66 -6.80 -4.77
N LYS B 110 10.40 -8.02 -4.32
CA LYS B 110 11.47 -8.99 -4.05
C LYS B 110 11.62 -9.92 -5.25
N GLY B 111 12.28 -9.42 -6.29
CA GLY B 111 12.41 -10.15 -7.53
C GLY B 111 11.13 -10.35 -8.28
N HIS B 112 10.07 -9.66 -7.89
CA HIS B 112 8.78 -9.72 -8.58
C HIS B 112 8.00 -8.48 -8.19
N ASP B 113 6.90 -8.24 -8.93
CA ASP B 113 6.06 -7.08 -8.68
C ASP B 113 4.60 -7.46 -8.45
N ALA B 114 4.33 -8.71 -8.09
CA ALA B 114 2.98 -9.09 -7.71
C ALA B 114 2.67 -8.54 -6.32
N ILE B 115 1.38 -8.38 -6.04
CA ILE B 115 0.96 -7.90 -4.74
C ILE B 115 1.34 -8.91 -3.65
N ASN B 116 1.42 -10.18 -4.00
CA ASN B 116 1.87 -11.22 -3.08
C ASN B 116 2.27 -12.44 -3.90
N LEU B 117 3.48 -12.96 -3.63
CA LEU B 117 4.01 -14.03 -4.46
C LEU B 117 3.15 -15.28 -4.39
N GLU B 118 2.87 -15.76 -3.19
CA GLU B 118 2.23 -17.07 -3.05
C GLU B 118 0.78 -17.06 -3.51
N LEU B 119 0.06 -15.95 -3.28
N LEU B 119 0.06 -15.94 -3.30
CA LEU B 119 -1.33 -15.88 -3.73
CA LEU B 119 -1.33 -15.88 -3.73
C LEU B 119 -1.41 -15.81 -5.26
C LEU B 119 -1.42 -15.79 -5.25
N HIS B 120 -0.49 -15.06 -5.89
CA HIS B 120 -0.48 -14.97 -7.34
C HIS B 120 -0.19 -16.32 -7.97
N ALA B 121 0.82 -17.03 -7.46
CA ALA B 121 1.16 -18.32 -8.03
C ALA B 121 0.05 -19.34 -7.79
N THR B 122 -0.50 -19.38 -6.58
CA THR B 122 -1.56 -20.33 -6.28
C THR B 122 -2.82 -20.01 -7.07
N ALA B 123 -3.05 -18.72 -7.37
CA ALA B 123 -4.17 -18.34 -8.22
C ALA B 123 -4.03 -18.95 -9.60
N HIS B 124 -2.81 -18.99 -10.13
CA HIS B 124 -2.57 -19.67 -11.41
C HIS B 124 -2.97 -21.14 -11.32
N ALA B 125 -2.64 -21.79 -10.20
CA ALA B 125 -2.99 -23.19 -10.03
C ALA B 125 -4.50 -23.39 -9.96
N ILE B 126 -5.20 -22.51 -9.24
CA ILE B 126 -6.65 -22.60 -9.16
C ILE B 126 -7.26 -22.38 -10.53
N ASP B 127 -6.79 -21.36 -11.25
CA ASP B 127 -7.26 -21.11 -12.60
C ASP B 127 -7.08 -22.33 -13.49
N HIS B 128 -5.87 -22.89 -13.51
CA HIS B 128 -5.56 -23.93 -14.49
C HIS B 128 -6.10 -25.30 -14.07
N ILE B 129 -5.90 -25.68 -12.81
CA ILE B 129 -6.24 -27.02 -12.36
C ILE B 129 -7.70 -27.12 -11.95
N VAL B 130 -8.16 -26.19 -11.13
CA VAL B 130 -9.50 -26.32 -10.55
C VAL B 130 -10.56 -25.80 -11.50
N LEU B 131 -10.29 -24.70 -12.20
CA LEU B 131 -11.30 -24.02 -13.00
C LEU B 131 -11.06 -24.13 -14.50
N ASN B 132 -10.18 -25.03 -14.93
CA ASN B 132 -10.03 -25.35 -16.35
C ASN B 132 -9.74 -24.10 -17.19
N ASP B 133 -8.80 -23.30 -16.71
CA ASP B 133 -8.34 -22.11 -17.44
C ASP B 133 -9.48 -21.11 -17.64
N ILE B 134 -10.19 -20.83 -16.56
CA ILE B 134 -11.29 -19.88 -16.60
C ILE B 134 -10.83 -18.50 -17.02
N SER B 135 -9.55 -18.17 -16.80
CA SER B 135 -9.05 -16.85 -17.15
C SER B 135 -9.07 -16.61 -18.66
N LYS B 136 -9.12 -17.66 -19.46
CA LYS B 136 -9.27 -17.55 -20.89
C LYS B 136 -10.68 -17.89 -21.36
N SER B 137 -11.64 -17.95 -20.42
CA SER B 137 -13.04 -18.09 -20.78
C SER B 137 -13.51 -16.84 -21.52
N ALA B 138 -14.56 -17.02 -22.33
CA ALA B 138 -15.10 -15.90 -23.09
C ALA B 138 -15.54 -14.76 -22.17
N GLN B 139 -16.14 -15.08 -21.03
CA GLN B 139 -16.60 -14.05 -20.12
C GLN B 139 -15.43 -13.23 -19.57
N PHE B 140 -14.42 -13.92 -19.03
CA PHE B 140 -13.32 -13.17 -18.44
C PHE B 140 -12.53 -12.39 -19.48
N LYS B 141 -12.40 -12.93 -20.70
CA LYS B 141 -11.68 -12.21 -21.74
C LYS B 141 -12.34 -10.87 -22.04
N GLN B 142 -13.67 -10.80 -21.96
CA GLN B 142 -14.35 -9.52 -22.11
C GLN B 142 -14.01 -8.57 -20.97
N ILE B 143 -14.00 -9.07 -19.74
CA ILE B 143 -13.61 -8.24 -18.61
C ILE B 143 -12.14 -7.83 -18.72
N PHE B 144 -11.27 -8.77 -19.12
CA PHE B 144 -9.85 -8.47 -19.27
C PHE B 144 -9.63 -7.36 -20.28
N ALA B 145 -10.36 -7.39 -21.40
CA ALA B 145 -10.20 -6.33 -22.39
C ALA B 145 -10.49 -4.96 -21.82
N LYS B 146 -11.43 -4.87 -20.88
CA LYS B 146 -11.82 -3.58 -20.31
C LYS B 146 -10.91 -3.17 -19.17
N GLU B 147 -10.67 -4.07 -18.22
CA GLU B 147 -10.04 -3.72 -16.95
C GLU B 147 -8.63 -4.24 -16.79
N GLY B 148 -8.10 -4.95 -17.79
CA GLY B 148 -6.80 -5.58 -17.64
C GLY B 148 -5.63 -4.63 -17.49
N ARG B 149 -5.84 -3.34 -17.75
CA ARG B 149 -4.79 -2.34 -17.63
C ARG B 149 -5.01 -1.41 -16.44
N SER B 150 -5.90 -1.77 -15.52
CA SER B 150 -6.27 -0.90 -14.41
C SER B 150 -5.61 -1.29 -13.09
N LEU B 151 -4.76 -2.31 -13.09
CA LEU B 151 -4.06 -2.74 -11.88
C LEU B 151 -2.57 -2.48 -11.95
N GLY B 152 -2.12 -1.66 -12.89
CA GLY B 152 -0.70 -1.45 -13.08
C GLY B 152 -0.07 -2.58 -13.86
N ASN B 153 1.26 -2.51 -14.01
CA ASN B 153 2.00 -3.49 -14.79
C ASN B 153 1.21 -3.83 -16.04
N VAL B 154 0.66 -2.81 -16.70
CA VAL B 154 -0.28 -3.03 -17.79
C VAL B 154 0.36 -3.83 -18.90
N ASN B 155 1.68 -3.96 -18.91
CA ASN B 155 2.30 -4.54 -20.08
C ASN B 155 2.57 -6.00 -19.87
N PHE B 156 2.14 -6.50 -18.71
CA PHE B 156 2.24 -7.91 -18.33
C PHE B 156 0.82 -8.35 -17.96
N LEU B 157 0.23 -7.67 -16.97
CA LEU B 157 -1.16 -7.97 -16.60
C LEU B 157 -2.12 -7.59 -17.71
N GLY B 158 -1.87 -6.48 -18.39
CA GLY B 158 -2.74 -6.04 -19.47
C GLY B 158 -2.58 -6.78 -20.77
N VAL B 159 -1.66 -7.74 -20.82
CA VAL B 159 -1.38 -8.48 -22.05
C VAL B 159 -1.77 -9.95 -21.94
N TYR B 160 -1.64 -10.55 -20.77
CA TYR B 160 -1.92 -11.98 -20.59
C TYR B 160 -3.12 -12.15 -19.67
N PRO B 161 -4.28 -12.59 -20.18
CA PRO B 161 -5.46 -12.71 -19.30
C PRO B 161 -5.22 -13.60 -18.09
N GLU B 162 -4.42 -14.67 -18.23
CA GLU B 162 -4.18 -15.54 -17.08
C GLU B 162 -3.40 -14.81 -15.99
N GLU B 163 -2.60 -13.81 -16.36
CA GLU B 163 -1.86 -13.05 -15.36
C GLU B 163 -2.74 -12.00 -14.69
N PHE B 164 -3.60 -11.34 -15.46
CA PHE B 164 -4.56 -10.43 -14.84
C PHE B 164 -5.48 -11.17 -13.87
N PHE B 165 -5.92 -12.36 -14.26
CA PHE B 165 -6.76 -13.15 -13.35
C PHE B 165 -6.01 -13.47 -12.06
N ALA B 166 -4.79 -14.00 -12.19
CA ALA B 166 -4.04 -14.41 -11.00
C ALA B 166 -3.81 -13.23 -10.07
N GLU B 167 -3.42 -12.07 -10.62
CA GLU B 167 -3.16 -10.92 -9.77
C GLU B 167 -4.43 -10.39 -9.13
N SER B 168 -5.53 -10.33 -9.90
N SER B 168 -5.54 -10.33 -9.89
CA SER B 168 -6.81 -9.90 -9.33
CA SER B 168 -6.80 -9.89 -9.31
C SER B 168 -7.25 -10.85 -8.23
C SER B 168 -7.27 -10.84 -8.23
N PHE B 169 -7.11 -12.16 -8.46
CA PHE B 169 -7.42 -13.14 -7.43
C PHE B 169 -6.60 -12.87 -6.17
N ALA B 170 -5.32 -12.56 -6.34
CA ALA B 170 -4.48 -12.24 -5.18
C ALA B 170 -4.95 -10.97 -4.49
N TYR B 171 -5.26 -9.94 -5.27
CA TYR B 171 -5.82 -8.72 -4.67
C TYR B 171 -7.07 -9.03 -3.86
N TYR B 172 -7.92 -9.92 -4.38
CA TYR B 172 -9.20 -10.20 -3.74
C TYR B 172 -9.02 -10.80 -2.35
N TYR B 173 -8.00 -11.63 -2.17
CA TYR B 173 -7.92 -12.46 -0.97
C TYR B 173 -6.78 -12.10 -0.03
N LEU B 174 -5.83 -11.24 -0.44
CA LEU B 174 -4.69 -10.96 0.43
C LEU B 174 -5.14 -10.24 1.71
N ASN B 175 -5.75 -9.07 1.57
CA ASN B 175 -6.19 -8.31 2.73
C ASN B 175 -7.23 -7.29 2.30
N GLN B 176 -7.72 -6.51 3.26
CA GLN B 176 -8.78 -5.54 2.98
C GLN B 176 -8.30 -4.42 2.08
N ASP B 177 -7.04 -4.01 2.24
CA ASP B 177 -6.51 -2.94 1.40
C ASP B 177 -6.54 -3.35 -0.07
N THR B 178 -6.01 -4.53 -0.39
CA THR B 178 -5.98 -4.98 -1.78
C THR B 178 -7.38 -5.34 -2.27
N ASN B 179 -8.20 -5.94 -1.42
CA ASN B 179 -9.57 -6.24 -1.83
C ASN B 179 -10.34 -4.97 -2.17
N SER B 180 -10.14 -3.91 -1.40
N SER B 180 -10.15 -3.91 -1.39
CA SER B 180 -10.86 -2.66 -1.66
CA SER B 180 -10.86 -2.66 -1.66
C SER B 180 -10.30 -1.95 -2.88
C SER B 180 -10.30 -1.96 -2.89
N LYS B 181 -8.98 -2.01 -3.09
CA LYS B 181 -8.39 -1.39 -4.27
C LYS B 181 -8.90 -2.06 -5.54
N LEU B 182 -9.01 -3.38 -5.54
CA LEU B 182 -9.51 -4.08 -6.71
C LEU B 182 -10.96 -3.69 -6.99
N LYS B 183 -11.78 -3.61 -5.93
CA LYS B 183 -13.18 -3.25 -6.10
C LYS B 183 -13.32 -1.90 -6.78
N SER B 184 -12.44 -0.95 -6.46
N SER B 184 -12.44 -0.95 -6.45
CA SER B 184 -12.53 0.38 -7.03
CA SER B 184 -12.52 0.38 -7.04
C SER B 184 -11.90 0.44 -8.43
C SER B 184 -11.91 0.42 -8.43
N ALA B 185 -10.78 -0.26 -8.63
CA ALA B 185 -10.09 -0.18 -9.91
C ALA B 185 -10.73 -1.08 -10.96
N CYS B 186 -11.15 -2.29 -10.57
CA CYS B 186 -11.65 -3.29 -11.51
C CYS B 186 -12.96 -3.86 -10.98
N PRO B 187 -14.04 -3.07 -11.05
CA PRO B 187 -15.32 -3.55 -10.47
C PRO B 187 -15.88 -4.79 -11.15
N GLN B 188 -15.79 -4.89 -12.48
CA GLN B 188 -16.29 -6.08 -13.16
C GLN B 188 -15.48 -7.30 -12.80
N THR B 189 -14.15 -7.17 -12.72
CA THR B 189 -13.32 -8.26 -12.24
C THR B 189 -13.69 -8.65 -10.82
N TYR B 190 -13.91 -7.66 -9.96
CA TYR B 190 -14.29 -7.92 -8.58
C TYR B 190 -15.61 -8.69 -8.51
N SER B 191 -16.60 -8.25 -9.30
CA SER B 191 -17.88 -8.95 -9.33
C SER B 191 -17.70 -10.37 -9.87
N PHE B 192 -16.83 -10.54 -10.87
CA PHE B 192 -16.57 -11.87 -11.42
C PHE B 192 -16.04 -12.81 -10.34
N LEU B 193 -15.05 -12.34 -9.57
CA LEU B 193 -14.50 -13.17 -8.51
C LEU B 193 -15.52 -13.42 -7.41
N GLN B 194 -16.34 -12.41 -7.10
CA GLN B 194 -17.39 -12.61 -6.10
C GLN B 194 -18.38 -13.67 -6.55
N ASN B 195 -18.77 -13.65 -7.83
CA ASN B 195 -19.68 -14.67 -8.33
C ASN B 195 -19.01 -16.04 -8.34
N LEU B 196 -17.69 -16.07 -8.58
CA LEU B 196 -16.98 -17.35 -8.56
C LEU B 196 -16.99 -17.97 -7.17
N ALA B 197 -16.91 -17.13 -6.14
CA ALA B 197 -16.80 -17.64 -4.78
C ALA B 197 -18.14 -18.00 -4.15
N LYS B 198 -19.25 -17.49 -4.68
CA LYS B 198 -20.56 -17.80 -4.13
C LYS B 198 -20.90 -19.26 -4.38
N GLU C 2 2.03 -26.81 -17.50
CA GLU C 2 1.81 -25.37 -17.48
C GLU C 2 2.65 -24.69 -16.41
N VAL C 3 3.39 -23.65 -16.81
CA VAL C 3 4.18 -22.84 -15.91
C VAL C 3 3.88 -21.37 -16.21
N ASN C 4 3.76 -20.57 -15.15
CA ASN C 4 3.56 -19.14 -15.28
C ASN C 4 4.46 -18.47 -14.25
N PRO C 5 5.19 -17.43 -14.61
CA PRO C 5 6.14 -16.82 -13.69
C PRO C 5 5.48 -15.77 -12.81
N ALA C 6 6.19 -15.38 -11.76
CA ALA C 6 5.76 -14.25 -10.96
C ALA C 6 5.77 -12.99 -11.83
N VAL C 7 5.02 -11.98 -11.39
CA VAL C 7 4.93 -10.72 -12.12
C VAL C 7 6.30 -10.05 -12.15
N GLU D 2 -8.67 21.15 17.40
CA GLU D 2 -8.72 19.92 16.62
C GLU D 2 -7.36 19.25 16.56
N VAL D 3 -7.36 17.94 16.82
CA VAL D 3 -6.16 17.12 16.75
C VAL D 3 -6.46 15.91 15.86
N ASN D 4 -5.48 15.54 15.04
CA ASN D 4 -5.56 14.36 14.18
C ASN D 4 -4.21 13.67 14.25
N PRO D 5 -4.19 12.35 14.38
CA PRO D 5 -2.93 11.63 14.55
C PRO D 5 -2.29 11.26 13.21
N ALA D 6 -1.03 10.87 13.29
CA ALA D 6 -0.35 10.27 12.15
C ALA D 6 -1.03 8.96 11.77
N VAL D 7 -0.80 8.52 10.54
CA VAL D 7 -1.38 7.28 10.05
C VAL D 7 -0.84 6.10 10.87
#